data_8QHR
#
_entry.id   8QHR
#
_cell.length_a   47.420
_cell.length_b   55.039
_cell.length_c   103.949
_cell.angle_alpha   90.000
_cell.angle_beta   90.000
_cell.angle_gamma   90.000
#
_symmetry.space_group_name_H-M   'P 21 21 21'
#
loop_
_entity.id
_entity.type
_entity.pdbx_description
1 polymer "2'-deoxynucleoside 5'-phosphate N-hydrolase 1"
2 non-polymer "1',2'-DIDEOXYRIBOFURANOSE-5'-PHOSPHATE"
3 non-polymer 1,2-ETHANEDIOL
4 non-polymer 2-[3-(2-HYDROXY-1,1-DIHYDROXYMETHYL-ETHYLAMINO)-PROPYLAMINO]-2-HYDROXYMETHYL-PROPANE-1,3-DIOL
5 water water
#
_entity_poly.entity_id   1
_entity_poly.type   'polypeptide(L)'
_entity_poly.pdbx_seq_one_letter_code
;GSMGRPALYFCGSIRGGREDRTLYERIVSRLRRFGTVLTQHVAAAELGARGEEAAGGDRLIHEQDLEWLQQADVVVAEVT
QPSLGVGYELGRAVAFNKRILCLFRPQSGRVLSAMIRGAADGSRFQVWDYEEGEVEALLDRYFEADP
;
_entity_poly.pdbx_strand_id   A,B
#
# COMPACT_ATOMS: atom_id res chain seq x y z
N MET A 3 22.01 -1.72 17.12
CA MET A 3 21.03 -2.21 18.08
C MET A 3 21.16 -1.48 19.42
N GLY A 4 22.15 -0.59 19.51
CA GLY A 4 22.31 0.23 20.71
C GLY A 4 21.36 1.40 20.80
N ARG A 5 20.58 1.64 19.76
CA ARG A 5 19.50 2.62 19.75
C ARG A 5 18.31 1.98 19.05
N PRO A 6 17.11 2.52 19.27
CA PRO A 6 15.95 2.01 18.51
C PRO A 6 16.11 2.26 17.02
N ALA A 7 15.62 1.32 16.23
CA ALA A 7 15.62 1.43 14.77
C ALA A 7 14.24 1.90 14.31
N LEU A 8 14.21 3.04 13.63
CA LEU A 8 12.98 3.70 13.22
C LEU A 8 12.91 3.69 11.70
N TYR A 9 11.90 3.01 11.15
N TYR A 9 11.97 2.92 11.17
CA TYR A 9 11.74 2.83 9.71
CA TYR A 9 11.71 2.85 9.74
C TYR A 9 10.69 3.80 9.18
C TYR A 9 10.76 3.97 9.36
N PHE A 10 11.12 4.72 8.32
CA PHE A 10 10.24 5.74 7.78
C PHE A 10 9.86 5.43 6.34
N CYS A 11 8.56 5.58 6.03
N CYS A 11 8.58 5.57 6.00
CA CYS A 11 7.99 5.35 4.72
CA CYS A 11 8.18 5.38 4.62
C CYS A 11 7.22 6.59 4.28
C CYS A 11 7.14 6.41 4.22
N GLY A 12 7.26 6.87 2.97
CA GLY A 12 6.41 7.88 2.41
C GLY A 12 6.49 7.75 0.90
N SER A 13 5.54 8.37 0.21
CA SER A 13 5.44 8.19 -1.24
C SER A 13 6.73 8.61 -1.94
N ILE A 14 7.12 7.82 -2.95
CA ILE A 14 8.24 8.18 -3.82
C ILE A 14 7.73 8.13 -5.27
N ARG A 15 7.55 6.93 -5.81
CA ARG A 15 7.00 6.82 -7.16
C ARG A 15 5.50 7.10 -7.19
N GLY A 16 4.83 7.06 -6.05
CA GLY A 16 3.48 7.60 -5.99
C GLY A 16 3.44 9.10 -6.15
N GLY A 17 4.58 9.76 -5.99
CA GLY A 17 4.67 11.21 -6.06
C GLY A 17 5.49 11.74 -4.91
N ARG A 18 6.31 12.77 -5.17
CA ARG A 18 7.15 13.38 -4.15
C ARG A 18 6.57 14.69 -3.65
N GLU A 19 5.24 14.82 -3.68
CA GLU A 19 4.59 16.06 -3.28
C GLU A 19 4.99 16.48 -1.87
N ASP A 20 5.11 15.51 -0.95
CA ASP A 20 5.32 15.81 0.47
C ASP A 20 6.77 15.57 0.89
N ARG A 21 7.71 15.57 -0.05
CA ARG A 21 9.09 15.25 0.27
C ARG A 21 9.64 16.13 1.38
N THR A 22 9.27 17.41 1.41
CA THR A 22 9.78 18.29 2.45
C THR A 22 9.28 17.87 3.82
N LEU A 23 7.99 17.51 3.92
CA LEU A 23 7.47 17.02 5.18
C LEU A 23 8.17 15.74 5.60
N TYR A 24 8.45 14.86 4.64
CA TYR A 24 9.17 13.63 4.96
C TYR A 24 10.51 13.94 5.61
N GLU A 25 11.23 14.93 5.08
CA GLU A 25 12.53 15.28 5.64
C GLU A 25 12.36 15.89 7.03
N ARG A 26 11.28 16.65 7.25
CA ARG A 26 11.02 17.17 8.58
C ARG A 26 10.77 16.03 9.56
N ILE A 27 10.04 15.01 9.13
CA ILE A 27 9.76 13.86 9.99
C ILE A 27 11.04 13.08 10.28
N VAL A 28 11.80 12.77 9.22
CA VAL A 28 13.04 12.01 9.40
C VAL A 28 13.99 12.75 10.33
N SER A 29 14.16 14.05 10.11
CA SER A 29 15.05 14.83 10.96
CA SER A 29 15.05 14.84 10.96
C SER A 29 14.66 14.72 12.42
N ARG A 30 13.35 14.74 12.71
CA ARG A 30 12.91 14.63 14.10
C ARG A 30 13.09 13.22 14.63
N LEU A 31 12.82 12.21 13.78
CA LEU A 31 13.00 10.83 14.22
C LEU A 31 14.43 10.56 14.65
N ARG A 32 15.40 11.25 14.03
CA ARG A 32 16.79 11.04 14.39
C ARG A 32 17.08 11.40 15.85
N ARG A 33 16.18 12.16 16.49
CA ARG A 33 16.34 12.45 17.91
C ARG A 33 16.05 11.23 18.77
N PHE A 34 15.35 10.23 18.24
CA PHE A 34 14.87 9.11 19.03
C PHE A 34 15.46 7.76 18.61
N GLY A 35 16.26 7.71 17.56
CA GLY A 35 16.92 6.48 17.21
C GLY A 35 17.56 6.56 15.84
N THR A 36 18.06 5.42 15.39
CA THR A 36 18.59 5.29 14.04
C THR A 36 17.43 5.20 13.06
N VAL A 37 17.49 5.99 12.00
CA VAL A 37 16.42 6.04 11.01
C VAL A 37 16.83 5.21 9.80
N LEU A 38 16.00 4.23 9.46
CA LEU A 38 16.18 3.41 8.26
C LEU A 38 15.13 3.84 7.25
N THR A 39 15.56 4.35 6.11
CA THR A 39 14.59 4.84 5.14
C THR A 39 15.23 4.96 3.76
N GLN A 40 14.39 4.76 2.74
CA GLN A 40 14.79 5.03 1.37
C GLN A 40 14.81 6.52 1.07
N HIS A 41 14.20 7.35 1.91
N HIS A 41 14.16 7.33 1.90
CA HIS A 41 14.07 8.76 1.61
CA HIS A 41 14.11 8.76 1.69
C HIS A 41 15.37 9.52 1.91
C HIS A 41 15.50 9.36 1.82
N VAL A 42 15.81 10.31 0.95
CA VAL A 42 17.04 11.10 1.03
C VAL A 42 16.69 12.53 0.64
N ALA A 43 17.11 13.49 1.45
CA ALA A 43 16.86 14.89 1.13
C ALA A 43 17.52 15.24 -0.20
N ALA A 44 16.91 16.19 -0.91
CA ALA A 44 17.43 16.59 -2.22
C ALA A 44 18.91 16.94 -2.15
N ALA A 45 19.39 17.38 -1.00
CA ALA A 45 20.82 17.63 -0.80
C ALA A 45 21.56 16.32 -0.55
N GLY A 57 18.00 -1.19 -9.16
CA GLY A 57 16.94 -2.01 -9.72
C GLY A 57 15.80 -2.20 -8.75
N ASP A 58 14.62 -2.52 -9.26
CA ASP A 58 13.44 -2.58 -8.39
C ASP A 58 13.54 -3.73 -7.39
N ARG A 59 14.10 -4.86 -7.81
CA ARG A 59 14.25 -5.98 -6.87
C ARG A 59 15.13 -5.58 -5.69
N LEU A 60 16.24 -4.89 -5.95
CA LEU A 60 17.12 -4.48 -4.87
C LEU A 60 16.42 -3.47 -3.96
N ILE A 61 15.65 -2.56 -4.54
CA ILE A 61 14.89 -1.61 -3.73
C ILE A 61 13.91 -2.35 -2.83
N HIS A 62 13.17 -3.31 -3.40
CA HIS A 62 12.24 -4.11 -2.62
C HIS A 62 12.95 -4.83 -1.48
N GLU A 63 14.06 -5.50 -1.78
CA GLU A 63 14.73 -6.31 -0.77
C GLU A 63 15.35 -5.44 0.33
N GLN A 64 15.82 -4.24 -0.01
CA GLN A 64 16.46 -3.40 1.00
C GLN A 64 15.42 -2.82 1.95
N ASP A 65 14.32 -2.28 1.42
CA ASP A 65 13.25 -1.81 2.29
C ASP A 65 12.67 -2.93 3.13
N LEU A 66 12.53 -4.13 2.56
CA LEU A 66 12.07 -5.26 3.38
C LEU A 66 13.06 -5.57 4.50
N GLU A 67 14.36 -5.48 4.20
CA GLU A 67 15.37 -5.69 5.23
C GLU A 67 15.26 -4.64 6.33
N TRP A 68 15.18 -3.36 5.93
CA TRP A 68 15.03 -2.30 6.93
C TRP A 68 13.77 -2.52 7.76
N LEU A 69 12.67 -2.90 7.11
CA LEU A 69 11.40 -3.05 7.82
C LEU A 69 11.50 -4.11 8.91
N GLN A 70 12.14 -5.25 8.61
CA GLN A 70 12.26 -6.29 9.61
C GLN A 70 13.16 -5.89 10.77
N GLN A 71 14.17 -5.05 10.50
CA GLN A 71 15.04 -4.55 11.54
C GLN A 71 14.33 -3.54 12.45
N ALA A 72 13.18 -3.03 12.04
CA ALA A 72 12.59 -1.85 12.67
C ALA A 72 11.97 -2.20 14.01
N ASP A 73 12.16 -1.30 14.98
CA ASP A 73 11.39 -1.32 16.22
C ASP A 73 10.07 -0.59 16.09
N VAL A 74 10.04 0.46 15.28
CA VAL A 74 8.82 1.22 15.01
C VAL A 74 8.80 1.61 13.54
N VAL A 75 7.63 1.47 12.92
CA VAL A 75 7.41 1.87 11.54
C VAL A 75 6.61 3.17 11.57
N VAL A 76 7.15 4.21 10.96
CA VAL A 76 6.49 5.51 10.86
C VAL A 76 6.19 5.77 9.39
N ALA A 77 4.92 5.99 9.07
CA ALA A 77 4.51 6.22 7.70
C ALA A 77 3.71 7.52 7.61
N GLU A 78 4.09 8.38 6.67
CA GLU A 78 3.26 9.52 6.27
C GLU A 78 2.39 9.04 5.12
N VAL A 79 1.07 9.01 5.34
CA VAL A 79 0.19 8.32 4.42
C VAL A 79 -0.76 9.27 3.73
N THR A 80 -0.36 10.53 3.57
CA THR A 80 -1.24 11.49 2.92
C THR A 80 -1.24 11.28 1.41
N GLN A 81 -0.07 11.16 0.80
CA GLN A 81 0.03 10.92 -0.65
C GLN A 81 -0.18 9.44 -0.93
N PRO A 82 -1.20 9.05 -1.69
CA PRO A 82 -1.42 7.63 -1.96
C PRO A 82 -0.20 6.99 -2.63
N SER A 83 0.14 5.79 -2.18
CA SER A 83 1.35 5.12 -2.65
C SER A 83 1.21 3.62 -2.48
N LEU A 84 1.45 2.88 -3.57
CA LEU A 84 1.47 1.42 -3.47
C LEU A 84 2.56 0.95 -2.52
N GLY A 85 3.76 1.55 -2.62
CA GLY A 85 4.87 1.07 -1.83
C GLY A 85 4.67 1.29 -0.34
N VAL A 86 4.15 2.45 0.03
CA VAL A 86 3.85 2.68 1.45
C VAL A 86 2.80 1.70 1.94
N GLY A 87 1.74 1.50 1.15
CA GLY A 87 0.73 0.53 1.54
C GLY A 87 1.31 -0.87 1.69
N TYR A 88 2.09 -1.29 0.70
CA TYR A 88 2.75 -2.60 0.76
C TYR A 88 3.62 -2.72 1.99
N GLU A 89 4.41 -1.69 2.29
N GLU A 89 4.43 -1.70 2.28
CA GLU A 89 5.29 -1.75 3.46
CA GLU A 89 5.28 -1.74 3.45
C GLU A 89 4.47 -1.83 4.75
C GLU A 89 4.46 -1.86 4.73
N LEU A 90 3.33 -1.14 4.80
CA LEU A 90 2.49 -1.23 5.98
C LEU A 90 1.84 -2.61 6.10
N GLY A 91 1.44 -3.19 4.99
CA GLY A 91 0.90 -4.54 5.03
C GLY A 91 1.92 -5.57 5.46
N ARG A 92 3.14 -5.50 4.92
CA ARG A 92 4.18 -6.39 5.38
C ARG A 92 4.49 -6.15 6.85
N ALA A 93 4.46 -4.88 7.29
CA ALA A 93 4.78 -4.56 8.67
C ALA A 93 3.75 -5.15 9.63
N VAL A 94 2.46 -5.08 9.27
CA VAL A 94 1.44 -5.70 10.11
C VAL A 94 1.68 -7.19 10.24
N ALA A 95 2.02 -7.85 9.12
CA ALA A 95 2.28 -9.28 9.13
C ALA A 95 3.55 -9.62 9.91
N PHE A 96 4.47 -8.68 10.07
CA PHE A 96 5.66 -8.85 10.90
C PHE A 96 5.40 -8.47 12.36
N ASN A 97 4.18 -8.06 12.71
CA ASN A 97 3.83 -7.71 14.09
C ASN A 97 4.58 -6.47 14.57
N LYS A 98 4.74 -5.49 13.68
CA LYS A 98 5.48 -4.28 14.00
C LYS A 98 4.58 -3.23 14.65
N ARG A 99 5.14 -2.48 15.59
CA ARG A 99 4.51 -1.26 16.07
C ARG A 99 4.53 -0.21 14.98
N ILE A 100 3.38 0.38 14.69
CA ILE A 100 3.19 1.23 13.52
C ILE A 100 2.52 2.53 13.92
N LEU A 101 3.06 3.65 13.45
CA LEU A 101 2.43 4.97 13.57
C LEU A 101 2.28 5.54 12.17
N CYS A 102 1.05 5.89 11.80
CA CYS A 102 0.76 6.55 10.53
C CYS A 102 0.35 7.99 10.78
N LEU A 103 0.78 8.89 9.89
CA LEU A 103 0.51 10.31 10.00
C LEU A 103 -0.19 10.79 8.74
N PHE A 104 -1.34 11.45 8.90
CA PHE A 104 -2.20 11.82 7.78
C PHE A 104 -2.69 13.26 7.93
N ARG A 105 -2.74 13.98 6.81
CA ARG A 105 -3.17 15.37 6.81
C ARG A 105 -4.55 15.51 6.20
N PRO A 106 -5.60 15.70 7.00
CA PRO A 106 -6.95 15.87 6.43
C PRO A 106 -7.10 17.11 5.56
N GLN A 107 -6.30 18.17 5.80
CA GLN A 107 -6.38 19.38 4.99
CA GLN A 107 -6.46 19.36 4.97
C GLN A 107 -5.94 19.16 3.55
N SER A 108 -5.38 17.99 3.23
CA SER A 108 -5.05 17.66 1.85
C SER A 108 -6.30 17.53 0.99
N GLY A 109 -7.47 17.41 1.61
CA GLY A 109 -8.70 17.16 0.89
C GLY A 109 -8.98 15.70 0.60
N ARG A 110 -8.04 14.82 0.92
CA ARG A 110 -8.20 13.39 0.67
C ARG A 110 -8.89 12.72 1.86
N VAL A 111 -9.49 11.56 1.59
CA VAL A 111 -9.99 10.68 2.63
C VAL A 111 -9.02 9.50 2.71
N LEU A 112 -8.46 9.27 3.89
CA LEU A 112 -7.46 8.22 4.03
C LEU A 112 -8.06 6.86 3.72
N SER A 113 -7.29 6.07 2.98
CA SER A 113 -7.65 4.68 2.67
C SER A 113 -8.27 3.99 3.87
N ALA A 114 -9.39 3.30 3.62
CA ALA A 114 -10.04 2.54 4.68
C ALA A 114 -9.16 1.40 5.18
N MET A 115 -8.24 0.90 4.36
CA MET A 115 -7.37 -0.18 4.80
C MET A 115 -6.32 0.30 5.80
N ILE A 116 -5.97 1.59 5.77
CA ILE A 116 -5.03 2.15 6.75
C ILE A 116 -5.77 2.67 7.97
N ARG A 117 -6.76 3.55 7.76
CA ARG A 117 -7.59 4.02 8.87
C ARG A 117 -8.21 2.84 9.61
N GLY A 118 -8.72 1.86 8.87
CA GLY A 118 -9.40 0.72 9.47
C GLY A 118 -8.48 -0.29 10.12
N ALA A 119 -7.17 -0.23 9.85
CA ALA A 119 -6.23 -1.11 10.53
C ALA A 119 -5.86 -0.61 11.92
N ALA A 120 -6.19 0.64 12.26
CA ALA A 120 -5.80 1.20 13.54
C ALA A 120 -6.51 0.46 14.68
N ASP A 121 -5.76 0.21 15.76
CA ASP A 121 -6.33 -0.30 17.00
C ASP A 121 -5.98 0.58 18.20
N GLY A 122 -5.43 1.77 17.98
CA GLY A 122 -5.16 2.70 19.04
C GLY A 122 -3.97 2.37 19.92
N SER A 123 -3.26 1.28 19.64
CA SER A 123 -2.07 0.92 20.41
C SER A 123 -0.93 0.56 19.47
N ARG A 124 -0.88 -0.69 19.02
CA ARG A 124 0.22 -1.14 18.17
C ARG A 124 0.12 -0.61 16.75
N PHE A 125 -1.08 -0.23 16.29
CA PHE A 125 -1.28 0.40 14.99
C PHE A 125 -2.09 1.66 15.23
N GLN A 126 -1.45 2.82 15.09
CA GLN A 126 -2.09 4.10 15.34
C GLN A 126 -2.04 4.97 14.10
N VAL A 127 -3.13 5.69 13.84
CA VAL A 127 -3.24 6.64 12.75
C VAL A 127 -3.61 7.97 13.38
N TRP A 128 -2.73 8.96 13.22
CA TRP A 128 -2.94 10.29 13.78
C TRP A 128 -3.12 11.30 12.66
N ASP A 129 -4.21 12.07 12.75
CA ASP A 129 -4.40 13.21 11.86
C ASP A 129 -3.55 14.38 12.36
N TYR A 130 -3.02 15.16 11.43
CA TYR A 130 -2.24 16.33 11.82
C TYR A 130 -2.31 17.38 10.72
N GLU A 131 -1.90 18.59 11.08
CA GLU A 131 -1.87 19.73 10.17
C GLU A 131 -0.44 20.25 10.07
N GLU A 132 -0.18 20.99 8.99
CA GLU A 132 1.12 21.63 8.84
C GLU A 132 1.47 22.38 10.11
N GLY A 133 2.71 22.19 10.58
CA GLY A 133 3.20 22.82 11.78
C GLY A 133 3.10 21.98 13.02
N GLU A 134 2.41 20.84 12.97
CA GLU A 134 2.17 20.02 14.15
C GLU A 134 3.03 18.77 14.23
N VAL A 135 3.70 18.36 13.15
CA VAL A 135 4.21 17.00 13.11
C VAL A 135 5.34 16.81 14.12
N GLU A 136 6.19 17.81 14.29
CA GLU A 136 7.30 17.66 15.24
C GLU A 136 6.77 17.49 16.66
N ALA A 137 5.76 18.27 17.04
CA ALA A 137 5.16 18.12 18.36
C ALA A 137 4.56 16.74 18.55
N LEU A 138 3.88 16.22 17.52
CA LEU A 138 3.25 14.92 17.65
C LEU A 138 4.30 13.81 17.72
N LEU A 139 5.40 13.94 16.98
CA LEU A 139 6.47 12.95 17.09
C LEU A 139 7.09 12.98 18.48
N ASP A 140 7.29 14.17 19.04
CA ASP A 140 7.76 14.26 20.42
C ASP A 140 6.82 13.53 21.37
N ARG A 141 5.51 13.66 21.15
CA ARG A 141 4.55 12.97 22.01
C ARG A 141 4.68 11.46 21.87
N TYR A 142 4.70 10.97 20.62
CA TYR A 142 4.73 9.53 20.42
C TYR A 142 5.97 8.90 21.04
N PHE A 143 7.13 9.50 20.84
CA PHE A 143 8.38 8.92 21.27
C PHE A 143 8.81 9.37 22.67
N GLU A 144 7.94 10.13 23.36
CA GLU A 144 8.10 10.41 24.78
C GLU A 144 9.31 11.30 25.05
N ALA A 145 9.39 12.40 24.30
CA ALA A 145 10.43 13.40 24.53
C ALA A 145 10.19 14.09 25.87
N GLY B 4 -18.52 -21.16 -4.42
CA GLY B 4 -18.00 -21.39 -5.75
C GLY B 4 -16.52 -21.07 -5.86
N ARG B 5 -15.74 -22.02 -6.37
CA ARG B 5 -14.30 -21.87 -6.49
C ARG B 5 -13.87 -21.95 -7.94
N PRO B 6 -12.76 -21.32 -8.32
CA PRO B 6 -11.84 -20.55 -7.45
C PRO B 6 -12.40 -19.20 -7.01
N ALA B 7 -11.94 -18.70 -5.86
CA ALA B 7 -12.28 -17.37 -5.39
C ALA B 7 -11.22 -16.39 -5.88
N LEU B 8 -11.64 -15.36 -6.61
CA LEU B 8 -10.76 -14.41 -7.26
C LEU B 8 -10.94 -13.05 -6.61
N TYR B 9 -9.89 -12.56 -5.94
N TYR B 9 -9.91 -12.59 -5.89
CA TYR B 9 -9.93 -11.31 -5.19
CA TYR B 9 -9.92 -11.32 -5.20
C TYR B 9 -9.36 -10.20 -6.05
C TYR B 9 -9.39 -10.24 -6.13
N PHE B 10 -10.18 -9.19 -6.34
CA PHE B 10 -9.76 -8.08 -7.18
C PHE B 10 -9.56 -6.83 -6.35
N CYS B 11 -8.42 -6.15 -6.58
N CYS B 11 -8.43 -6.15 -6.55
CA CYS B 11 -8.05 -4.92 -5.93
CA CYS B 11 -8.19 -4.88 -5.88
C CYS B 11 -7.78 -3.83 -6.96
C CYS B 11 -7.72 -3.84 -6.87
N GLY B 12 -8.11 -2.60 -6.60
CA GLY B 12 -7.80 -1.45 -7.42
C GLY B 12 -8.14 -0.20 -6.65
N SER B 13 -7.57 0.91 -7.09
CA SER B 13 -7.67 2.14 -6.32
C SER B 13 -9.13 2.58 -6.15
N ILE B 14 -9.45 3.04 -4.94
CA ILE B 14 -10.75 3.64 -4.65
C ILE B 14 -10.52 5.03 -4.07
N ARG B 15 -10.14 5.10 -2.79
CA ARG B 15 -9.86 6.41 -2.20
C ARG B 15 -8.55 6.99 -2.69
N GLY B 16 -7.68 6.19 -3.31
CA GLY B 16 -6.55 6.74 -4.02
C GLY B 16 -6.95 7.47 -5.29
N GLY B 17 -8.19 7.26 -5.75
CA GLY B 17 -8.66 7.82 -7.00
C GLY B 17 -9.39 6.77 -7.79
N ARG B 18 -10.51 7.14 -8.40
CA ARG B 18 -11.31 6.20 -9.21
C ARG B 18 -11.07 6.41 -10.70
N GLU B 19 -9.89 6.89 -11.06
CA GLU B 19 -9.60 7.20 -12.45
C GLU B 19 -9.88 6.01 -13.36
N ASP B 20 -9.55 4.81 -12.90
CA ASP B 20 -9.60 3.61 -13.73
C ASP B 20 -10.81 2.73 -13.42
N ARG B 21 -11.88 3.29 -12.84
CA ARG B 21 -12.97 2.45 -12.37
C ARG B 21 -13.64 1.66 -13.50
N THR B 22 -13.70 2.26 -14.70
CA THR B 22 -14.29 1.55 -15.83
C THR B 22 -13.44 0.35 -16.22
N LEU B 23 -12.11 0.49 -16.16
N LEU B 23 -12.12 0.50 -16.18
CA LEU B 23 -11.24 -0.63 -16.44
CA LEU B 23 -11.23 -0.62 -16.43
C LEU B 23 -11.34 -1.71 -15.36
C LEU B 23 -11.43 -1.70 -15.38
N TYR B 24 -11.57 -1.30 -14.11
CA TYR B 24 -11.77 -2.28 -13.05
C TYR B 24 -13.03 -3.12 -13.31
N GLU B 25 -14.11 -2.47 -13.78
CA GLU B 25 -15.33 -3.21 -14.08
C GLU B 25 -15.11 -4.18 -15.23
N ARG B 26 -14.36 -3.75 -16.26
CA ARG B 26 -14.02 -4.66 -17.35
C ARG B 26 -13.24 -5.86 -16.83
N ILE B 27 -12.30 -5.64 -15.92
CA ILE B 27 -11.52 -6.73 -15.35
C ILE B 27 -12.42 -7.65 -14.53
N VAL B 28 -13.22 -7.07 -13.62
CA VAL B 28 -14.09 -7.87 -12.79
C VAL B 28 -15.06 -8.67 -13.63
N SER B 29 -15.59 -8.07 -14.70
CA SER B 29 -16.52 -8.80 -15.57
CA SER B 29 -16.52 -8.80 -15.57
C SER B 29 -15.85 -10.02 -16.18
N ARG B 30 -14.60 -9.88 -16.62
CA ARG B 30 -13.89 -11.02 -17.22
C ARG B 30 -13.52 -12.05 -16.17
N LEU B 31 -13.18 -11.62 -14.95
CA LEU B 31 -12.83 -12.57 -13.91
C LEU B 31 -14.01 -13.47 -13.57
N ARG B 32 -15.24 -12.95 -13.66
CA ARG B 32 -16.41 -13.77 -13.36
C ARG B 32 -16.50 -15.00 -14.26
N ARG B 33 -15.83 -14.99 -15.41
CA ARG B 33 -15.83 -16.17 -16.27
C ARG B 33 -15.03 -17.32 -15.67
N PHE B 34 -14.12 -17.02 -14.74
CA PHE B 34 -13.17 -18.01 -14.25
C PHE B 34 -13.35 -18.34 -12.77
N GLY B 35 -14.18 -17.61 -12.05
CA GLY B 35 -14.39 -17.92 -10.64
C GLY B 35 -15.34 -16.94 -10.00
N THR B 36 -15.52 -17.13 -8.69
CA THR B 36 -16.28 -16.21 -7.87
C THR B 36 -15.38 -15.00 -7.55
N VAL B 37 -15.91 -13.80 -7.76
CA VAL B 37 -15.13 -12.58 -7.59
C VAL B 37 -15.49 -11.95 -6.25
N LEU B 38 -14.48 -11.78 -5.40
CA LEU B 38 -14.62 -11.09 -4.13
C LEU B 38 -13.93 -9.73 -4.27
N THR B 39 -14.70 -8.66 -4.13
CA THR B 39 -14.12 -7.34 -4.34
C THR B 39 -15.00 -6.28 -3.72
N GLN B 40 -14.34 -5.23 -3.21
CA GLN B 40 -15.05 -4.04 -2.75
C GLN B 40 -15.62 -3.24 -3.91
N HIS B 41 -15.17 -3.48 -5.12
N HIS B 41 -15.14 -3.47 -5.12
CA HIS B 41 -15.53 -2.63 -6.24
CA HIS B 41 -15.52 -2.63 -6.26
C HIS B 41 -16.94 -2.93 -6.71
C HIS B 41 -16.94 -2.93 -6.71
N VAL B 42 -17.68 -1.87 -7.03
CA VAL B 42 -19.06 -1.96 -7.49
C VAL B 42 -19.30 -0.82 -8.45
N ALA B 43 -19.94 -1.11 -9.57
CA ALA B 43 -20.23 -0.09 -10.58
C ALA B 43 -21.39 0.80 -10.12
N ALA B 54 -16.36 8.06 2.53
CA ALA B 54 -17.27 7.94 3.66
C ALA B 54 -16.59 7.22 4.82
N ALA B 55 -15.68 7.91 5.50
CA ALA B 55 -14.99 7.32 6.64
C ALA B 55 -15.90 7.30 7.86
N GLY B 56 -15.40 6.73 8.96
CA GLY B 56 -16.15 6.62 10.20
C GLY B 56 -16.42 5.18 10.61
N GLY B 57 -16.53 4.29 9.64
CA GLY B 57 -16.68 2.87 9.92
C GLY B 57 -15.63 2.06 9.17
N ASP B 58 -14.42 2.62 9.07
CA ASP B 58 -13.42 2.02 8.19
C ASP B 58 -12.91 0.68 8.71
N ARG B 59 -13.00 0.44 10.02
N ARG B 59 -13.00 0.43 10.02
CA ARG B 59 -12.60 -0.86 10.56
CA ARG B 59 -12.58 -0.87 10.55
C ARG B 59 -13.34 -1.99 9.88
C ARG B 59 -13.34 -2.00 9.89
N LEU B 60 -14.64 -1.80 9.63
CA LEU B 60 -15.44 -2.85 9.01
C LEU B 60 -14.99 -3.10 7.58
N ILE B 61 -14.59 -2.05 6.86
CA ILE B 61 -14.08 -2.22 5.50
C ILE B 61 -12.77 -2.99 5.53
N HIS B 62 -11.86 -2.61 6.42
CA HIS B 62 -10.59 -3.31 6.54
C HIS B 62 -10.80 -4.79 6.81
N GLU B 63 -11.65 -5.11 7.79
CA GLU B 63 -11.87 -6.50 8.16
C GLU B 63 -12.48 -7.29 7.00
N GLN B 64 -13.39 -6.67 6.25
CA GLN B 64 -14.07 -7.38 5.17
C GLN B 64 -13.11 -7.71 4.03
N ASP B 65 -12.29 -6.74 3.62
CA ASP B 65 -11.31 -7.01 2.57
C ASP B 65 -10.25 -8.02 3.03
N LEU B 66 -9.86 -7.96 4.30
CA LEU B 66 -8.94 -8.98 4.81
C LEU B 66 -9.58 -10.36 4.78
N GLU B 67 -10.87 -10.43 5.08
CA GLU B 67 -11.59 -11.70 5.01
C GLU B 67 -11.60 -12.25 3.59
N TRP B 68 -11.91 -11.39 2.62
CA TRP B 68 -11.93 -11.83 1.22
C TRP B 68 -10.54 -12.26 0.77
N LEU B 69 -9.51 -11.48 1.15
CA LEU B 69 -8.15 -11.84 0.78
C LEU B 69 -7.79 -13.22 1.28
N GLN B 70 -8.14 -13.53 2.54
CA GLN B 70 -7.75 -14.82 3.11
C GLN B 70 -8.45 -15.97 2.41
N GLN B 71 -9.67 -15.76 1.92
CA GLN B 71 -10.39 -16.79 1.18
C GLN B 71 -9.94 -16.90 -0.27
N ALA B 72 -9.11 -15.98 -0.76
CA ALA B 72 -8.83 -15.90 -2.17
C ALA B 72 -7.91 -17.03 -2.62
N ASP B 73 -8.20 -17.58 -3.80
CA ASP B 73 -7.30 -18.50 -4.47
C ASP B 73 -6.30 -17.76 -5.35
N VAL B 74 -6.71 -16.65 -5.93
CA VAL B 74 -5.83 -15.79 -6.71
C VAL B 74 -6.19 -14.34 -6.42
N VAL B 75 -5.17 -13.50 -6.26
CA VAL B 75 -5.33 -12.07 -6.05
C VAL B 75 -4.98 -11.38 -7.36
N VAL B 76 -5.91 -10.58 -7.88
CA VAL B 76 -5.69 -9.81 -9.10
C VAL B 76 -5.75 -8.33 -8.74
N ALA B 77 -4.68 -7.60 -9.03
CA ALA B 77 -4.57 -6.19 -8.69
C ALA B 77 -4.26 -5.39 -9.94
N GLU B 78 -5.05 -4.34 -10.19
CA GLU B 78 -4.70 -3.34 -11.20
C GLU B 78 -3.96 -2.22 -10.48
N VAL B 79 -2.67 -2.08 -10.77
CA VAL B 79 -1.77 -1.29 -9.95
C VAL B 79 -1.30 -0.02 -10.66
N THR B 80 -2.04 0.45 -11.66
CA THR B 80 -1.60 1.64 -12.39
C THR B 80 -1.80 2.90 -11.55
N GLN B 81 -2.96 3.04 -10.89
CA GLN B 81 -3.23 4.20 -10.05
C GLN B 81 -2.66 3.95 -8.66
N PRO B 82 -1.77 4.80 -8.16
CA PRO B 82 -1.21 4.56 -6.82
C PRO B 82 -2.29 4.56 -5.75
N SER B 83 -2.20 3.60 -4.83
CA SER B 83 -3.22 3.40 -3.82
C SER B 83 -2.62 2.74 -2.60
N LEU B 84 -2.86 3.33 -1.43
CA LEU B 84 -2.41 2.71 -0.18
C LEU B 84 -3.13 1.39 0.07
N GLY B 85 -4.44 1.37 -0.15
CA GLY B 85 -5.20 0.14 0.09
C GLY B 85 -4.77 -1.01 -0.79
N VAL B 86 -4.56 -0.73 -2.07
CA VAL B 86 -4.11 -1.78 -2.99
C VAL B 86 -2.74 -2.28 -2.56
N GLY B 87 -1.82 -1.36 -2.25
CA GLY B 87 -0.52 -1.77 -1.77
C GLY B 87 -0.59 -2.56 -0.47
N TYR B 88 -1.41 -2.10 0.47
CA TYR B 88 -1.58 -2.81 1.73
C TYR B 88 -2.12 -4.21 1.49
N GLU B 89 -3.14 -4.33 0.64
N GLU B 89 -3.14 -4.33 0.64
CA GLU B 89 -3.72 -5.63 0.34
CA GLU B 89 -3.71 -5.64 0.34
C GLU B 89 -2.68 -6.56 -0.30
C GLU B 89 -2.67 -6.57 -0.29
N LEU B 90 -1.84 -6.03 -1.18
CA LEU B 90 -0.80 -6.84 -1.80
C LEU B 90 0.24 -7.26 -0.77
N GLY B 91 0.55 -6.39 0.18
CA GLY B 91 1.49 -6.76 1.23
C GLY B 91 0.96 -7.86 2.11
N ARG B 92 -0.29 -7.73 2.56
CA ARG B 92 -0.91 -8.80 3.33
C ARG B 92 -1.00 -10.07 2.50
N ALA B 93 -1.28 -9.92 1.20
CA ALA B 93 -1.38 -11.08 0.32
C ALA B 93 -0.05 -11.83 0.25
N VAL B 94 1.06 -11.10 0.14
CA VAL B 94 2.36 -11.74 0.09
C VAL B 94 2.65 -12.49 1.39
N ALA B 95 2.33 -11.87 2.53
CA ALA B 95 2.53 -12.55 3.80
C ALA B 95 1.68 -13.81 3.90
N PHE B 96 0.51 -13.82 3.28
CA PHE B 96 -0.33 -15.01 3.19
C PHE B 96 0.16 -16.00 2.13
N ASN B 97 1.21 -15.66 1.39
CA ASN B 97 1.74 -16.53 0.33
C ASN B 97 0.67 -16.82 -0.72
N LYS B 98 -0.10 -15.79 -1.08
CA LYS B 98 -1.12 -15.93 -2.10
C LYS B 98 -0.53 -15.86 -3.50
N ARG B 99 -1.21 -16.52 -4.44
CA ARG B 99 -0.92 -16.33 -5.87
C ARG B 99 -1.45 -14.98 -6.32
N ILE B 100 -0.58 -14.17 -6.93
CA ILE B 100 -0.86 -12.76 -7.15
C ILE B 100 -0.57 -12.42 -8.61
N LEU B 101 -1.49 -11.68 -9.23
CA LEU B 101 -1.29 -11.14 -10.58
C LEU B 101 -1.53 -9.63 -10.52
N CYS B 102 -0.52 -8.85 -10.87
CA CYS B 102 -0.62 -7.40 -10.96
C CYS B 102 -0.62 -6.97 -12.42
N LEU B 103 -1.43 -5.97 -12.73
CA LEU B 103 -1.60 -5.46 -14.09
C LEU B 103 -1.32 -3.95 -14.09
N PHE B 104 -0.41 -3.52 -14.97
CA PHE B 104 0.07 -2.14 -14.98
C PHE B 104 0.10 -1.60 -16.40
N ARG B 105 -0.23 -0.32 -16.55
CA ARG B 105 -0.25 0.32 -17.86
C ARG B 105 0.89 1.32 -17.97
N PRO B 106 1.95 1.00 -18.72
CA PRO B 106 3.05 1.98 -18.85
C PRO B 106 2.66 3.25 -19.59
N GLN B 107 1.67 3.19 -20.48
CA GLN B 107 1.23 4.39 -21.18
C GLN B 107 0.61 5.43 -20.24
N SER B 108 0.38 5.05 -18.97
CA SER B 108 -0.02 6.03 -17.97
C SER B 108 1.05 7.07 -17.70
N GLY B 109 2.28 6.85 -18.16
CA GLY B 109 3.38 7.74 -17.88
C GLY B 109 4.00 7.57 -16.50
N ARG B 110 3.47 6.67 -15.69
CA ARG B 110 3.99 6.43 -14.35
C ARG B 110 5.06 5.34 -14.38
N VAL B 111 5.92 5.38 -13.37
CA VAL B 111 6.84 4.29 -13.08
C VAL B 111 6.27 3.50 -11.90
N LEU B 112 5.96 2.24 -12.14
CA LEU B 112 5.35 1.40 -11.11
C LEU B 112 6.25 1.29 -9.90
N SER B 113 5.65 1.44 -8.72
CA SER B 113 6.34 1.25 -7.45
C SER B 113 7.34 0.11 -7.50
N ALA B 114 8.55 0.38 -7.00
CA ALA B 114 9.55 -0.67 -6.90
C ALA B 114 9.11 -1.78 -5.95
N MET B 115 8.26 -1.46 -4.97
CA MET B 115 7.85 -2.48 -4.02
C MET B 115 6.91 -3.49 -4.64
N ILE B 116 6.22 -3.13 -5.72
CA ILE B 116 5.38 -4.06 -6.45
C ILE B 116 6.18 -4.74 -7.56
N ARG B 117 6.83 -3.96 -8.41
CA ARG B 117 7.64 -4.51 -9.48
C ARG B 117 8.74 -5.41 -8.94
N GLY B 118 9.38 -5.00 -7.83
CA GLY B 118 10.44 -5.77 -7.24
C GLY B 118 10.01 -6.95 -6.41
N ALA B 119 8.71 -7.10 -6.18
CA ALA B 119 8.18 -8.28 -5.51
C ALA B 119 8.00 -9.45 -6.45
N ALA B 120 8.02 -9.21 -7.76
CA ALA B 120 7.70 -10.24 -8.73
C ALA B 120 8.74 -11.36 -8.74
N ASP B 121 8.25 -12.59 -8.87
CA ASP B 121 9.12 -13.75 -9.04
C ASP B 121 8.76 -14.56 -10.28
N GLY B 122 7.84 -14.08 -11.11
CA GLY B 122 7.53 -14.72 -12.36
C GLY B 122 6.58 -15.90 -12.29
N SER B 123 6.16 -16.29 -11.09
CA SER B 123 5.26 -17.43 -10.94
C SER B 123 4.16 -17.12 -9.93
N ARG B 124 4.51 -17.13 -8.64
CA ARG B 124 3.52 -16.85 -7.60
C ARG B 124 3.16 -15.37 -7.53
N PHE B 125 4.10 -14.49 -7.90
CA PHE B 125 3.86 -13.05 -7.94
C PHE B 125 4.29 -12.59 -9.32
N GLN B 126 3.34 -12.23 -10.17
CA GLN B 126 3.61 -11.80 -11.53
C GLN B 126 3.10 -10.39 -11.74
N VAL B 127 3.87 -9.62 -12.52
CA VAL B 127 3.51 -8.25 -12.88
C VAL B 127 3.54 -8.17 -14.39
N TRP B 128 2.39 -7.88 -14.99
CA TRP B 128 2.23 -7.82 -16.44
C TRP B 128 1.94 -6.39 -16.87
N ASP B 129 2.79 -5.84 -17.74
CA ASP B 129 2.48 -4.59 -18.41
C ASP B 129 1.48 -4.85 -19.53
N TYR B 130 0.55 -3.92 -19.71
CA TYR B 130 -0.42 -4.05 -20.79
C TYR B 130 -0.86 -2.66 -21.23
N GLU B 131 -1.55 -2.63 -22.37
CA GLU B 131 -2.07 -1.40 -22.95
C GLU B 131 -3.57 -1.52 -23.13
N GLU B 132 -4.23 -0.37 -23.23
CA GLU B 132 -5.68 -0.34 -23.42
C GLU B 132 -6.09 -1.33 -24.50
N GLY B 133 -7.09 -2.14 -24.19
CA GLY B 133 -7.62 -3.10 -25.13
C GLY B 133 -7.03 -4.49 -25.05
N GLU B 134 -6.03 -4.70 -24.19
CA GLU B 134 -5.39 -6.01 -24.07
C GLU B 134 -5.83 -6.78 -22.83
N VAL B 135 -6.51 -6.13 -21.87
CA VAL B 135 -6.62 -6.72 -20.54
C VAL B 135 -7.47 -7.98 -20.56
N GLU B 136 -8.51 -8.02 -21.40
CA GLU B 136 -9.37 -9.20 -21.45
C GLU B 136 -8.61 -10.39 -22.02
N ALA B 137 -7.87 -10.18 -23.11
CA ALA B 137 -7.05 -11.26 -23.66
C ALA B 137 -6.03 -11.75 -22.65
N LEU B 138 -5.44 -10.83 -21.87
CA LEU B 138 -4.41 -11.23 -20.92
C LEU B 138 -5.01 -12.05 -19.78
N LEU B 139 -6.20 -11.66 -19.31
CA LEU B 139 -6.86 -12.44 -18.27
C LEU B 139 -7.25 -13.83 -18.78
N ASP B 140 -7.78 -13.90 -19.99
CA ASP B 140 -8.05 -15.21 -20.60
C ASP B 140 -6.81 -16.09 -20.57
N ARG B 141 -5.65 -15.49 -20.88
CA ARG B 141 -4.40 -16.22 -20.94
C ARG B 141 -3.97 -16.71 -19.56
N TYR B 142 -4.07 -15.85 -18.55
CA TYR B 142 -3.64 -16.23 -17.22
C TYR B 142 -4.50 -17.36 -16.66
N PHE B 143 -5.81 -17.28 -16.84
CA PHE B 143 -6.74 -18.21 -16.21
C PHE B 143 -7.11 -19.39 -17.11
N GLU B 144 -6.49 -19.50 -18.28
CA GLU B 144 -6.64 -20.69 -19.11
C GLU B 144 -8.10 -21.06 -19.34
#